data_6H4B
#
_entry.id   6H4B
#
_cell.length_a   122.896
_cell.length_b   122.896
_cell.length_c   122.896
_cell.angle_alpha   90.00
_cell.angle_beta   90.00
_cell.angle_gamma   90.00
#
_symmetry.space_group_name_H-M   'I 2 3'
#
loop_
_entity.id
_entity.type
_entity.pdbx_description
1 polymer ORF026
2 polymer Orf20
3 water water
#
loop_
_entity_poly.entity_id
_entity_poly.type
_entity_poly.pdbx_seq_one_letter_code
_entity_poly.pdbx_strand_id
1 'polypeptide(L)'
;MGSSHHHHHHSSGLVPRGSHMASMTGGQQMGRGSMTNTLTIDQLQELLQIQKEFDDRIPTLNLRDSKIAYVVEFFEWFNT
LETFKNWKKKPGKPLDVQLDELADMLAFGLSIANQSGVSLKTLEKLIPSTLGKVYFNTSSIMKDFMEDFVYFGLGEEDSL
SLPLNIAYNLYSIDQLIDAYKKKMKRNHERQDGTADAGKGYV
;
A
2 'polypeptide(L)'
;GPGKKREVTIEEIGEFHEKYLKLLFTNLETHNDRKKALAEIEKLKEESIYLGEKLRLVPNHHYDAIKGKPMYKLYLYEYP
DRLEHQKKIILEKDTN
;
B
#
# COMPACT_ATOMS: atom_id res chain seq x y z
N THR A 38 2.61 -19.20 -17.10
CA THR A 38 2.85 -18.66 -15.77
C THR A 38 1.73 -17.74 -15.29
N LEU A 39 0.88 -17.27 -16.20
CA LEU A 39 -0.12 -16.27 -15.79
C LEU A 39 -1.46 -16.90 -15.42
N THR A 40 -1.88 -16.61 -14.19
CA THR A 40 -2.79 -17.39 -13.35
C THR A 40 -4.11 -17.92 -13.85
N ILE A 41 -4.57 -18.97 -13.16
CA ILE A 41 -5.73 -19.77 -13.55
C ILE A 41 -6.35 -20.33 -12.28
N ASP A 42 -7.29 -19.58 -11.72
CA ASP A 42 -7.99 -19.92 -10.47
C ASP A 42 -7.12 -20.36 -9.29
N GLN A 43 -6.07 -19.63 -9.01
CA GLN A 43 -5.44 -19.76 -7.72
C GLN A 43 -6.16 -18.88 -6.69
N LEU A 44 -7.43 -18.60 -6.94
CA LEU A 44 -8.22 -17.76 -6.04
C LEU A 44 -8.64 -18.53 -4.79
N GLN A 45 -8.64 -19.86 -4.89
CA GLN A 45 -9.01 -20.71 -3.78
C GLN A 45 -7.80 -21.01 -2.90
N GLU A 46 -6.63 -20.65 -3.39
CA GLU A 46 -5.38 -20.88 -2.66
C GLU A 46 -4.91 -19.61 -1.95
N LEU A 47 -5.40 -18.47 -2.41
CA LEU A 47 -5.02 -17.21 -1.82
C LEU A 47 -6.14 -16.67 -0.95
N LEU A 48 -7.36 -16.73 -1.44
CA LEU A 48 -8.49 -16.27 -0.65
C LEU A 48 -8.60 -17.05 0.63
N GLN A 49 -8.16 -18.31 0.59
CA GLN A 49 -8.17 -19.15 1.77
C GLN A 49 -6.99 -18.83 2.69
N ILE A 50 -5.78 -18.83 2.12
CA ILE A 50 -4.58 -18.54 2.88
C ILE A 50 -4.82 -17.31 3.74
N GLN A 51 -5.29 -16.23 3.09
CA GLN A 51 -5.60 -15.01 3.80
C GLN A 51 -6.80 -14.99 4.74
N LYS A 52 -7.87 -15.63 4.30
CA LYS A 52 -8.94 -16.02 5.19
C LYS A 52 -8.32 -16.66 6.42
N GLU A 53 -7.50 -17.69 6.17
CA GLU A 53 -6.75 -18.41 7.19
C GLU A 53 -6.07 -17.47 8.16
N PHE A 54 -5.38 -16.48 7.61
CA PHE A 54 -4.59 -15.63 8.46
C PHE A 54 -5.48 -14.71 9.27
N ASP A 55 -6.34 -13.98 8.58
CA ASP A 55 -7.13 -12.95 9.22
C ASP A 55 -7.98 -13.46 10.38
N ASP A 56 -8.19 -14.77 10.47
CA ASP A 56 -9.00 -15.35 11.54
C ASP A 56 -8.21 -15.45 12.85
N ARG A 57 -6.92 -15.18 12.76
CA ARG A 57 -6.04 -15.22 13.91
C ARG A 57 -5.89 -13.80 14.48
N ILE A 58 -6.61 -12.86 13.84
CA ILE A 58 -6.56 -11.43 14.18
C ILE A 58 -7.90 -10.98 14.74
N PRO A 59 -7.98 -10.78 16.07
CA PRO A 59 -9.29 -10.52 16.68
C PRO A 59 -9.92 -9.19 16.25
N THR A 60 -9.16 -8.10 16.25
CA THR A 60 -9.75 -6.77 16.12
C THR A 60 -9.97 -6.35 14.68
N LEU A 61 -9.79 -7.29 13.76
CA LEU A 61 -9.83 -7.04 12.33
C LEU A 61 -11.11 -6.34 11.87
N ASN A 62 -10.98 -5.33 11.02
CA ASN A 62 -12.13 -4.62 10.48
C ASN A 62 -11.83 -3.97 9.14
N LEU A 63 -12.89 -3.50 8.47
CA LEU A 63 -12.84 -3.14 7.06
C LEU A 63 -12.25 -1.76 6.79
N ARG A 64 -12.41 -0.85 7.74
CA ARG A 64 -11.92 0.49 7.49
C ARG A 64 -10.39 0.46 7.49
N ASP A 65 -9.82 -0.42 8.30
CA ASP A 65 -8.37 -0.51 8.48
C ASP A 65 -7.70 -1.27 7.33
N SER A 66 -8.30 -2.39 6.97
CA SER A 66 -7.91 -3.08 5.75
C SER A 66 -7.82 -2.09 4.58
N LYS A 67 -8.86 -1.28 4.43
CA LYS A 67 -8.87 -0.30 3.36
C LYS A 67 -7.67 0.65 3.45
N ILE A 68 -7.34 1.09 4.65
CA ILE A 68 -6.24 2.04 4.79
C ILE A 68 -4.89 1.40 4.51
N ALA A 69 -4.63 0.27 5.14
CA ALA A 69 -3.38 -0.45 4.93
C ALA A 69 -3.17 -0.73 3.44
N TYR A 70 -4.25 -1.01 2.72
CA TYR A 70 -4.20 -1.25 1.28
C TYR A 70 -3.73 -0.02 0.50
N VAL A 71 -4.39 1.10 0.77
CA VAL A 71 -4.05 2.38 0.18
C VAL A 71 -2.59 2.73 0.45
N VAL A 72 -2.17 2.51 1.70
CA VAL A 72 -0.80 2.80 2.11
C VAL A 72 0.19 1.92 1.37
N GLU A 73 -0.23 0.70 1.07
CA GLU A 73 0.67 -0.22 0.38
C GLU A 73 0.73 0.08 -1.09
N PHE A 74 -0.33 0.66 -1.64
CA PHE A 74 -0.27 1.01 -3.04
C PHE A 74 0.82 2.06 -3.25
N PHE A 75 0.79 3.10 -2.42
CA PHE A 75 1.80 4.16 -2.50
C PHE A 75 3.16 3.64 -2.09
N GLU A 76 3.16 2.73 -1.14
CA GLU A 76 4.38 2.12 -0.70
C GLU A 76 4.96 1.38 -1.88
N TRP A 77 4.11 0.72 -2.66
CA TRP A 77 4.63 0.03 -3.82
C TRP A 77 4.98 1.02 -4.93
N PHE A 78 4.09 1.98 -5.18
CA PHE A 78 4.31 2.91 -6.26
C PHE A 78 5.66 3.60 -6.06
N ASN A 79 5.99 3.87 -4.80
CA ASN A 79 7.29 4.36 -4.40
C ASN A 79 8.48 3.52 -4.85
N THR A 80 8.31 2.21 -4.93
CA THR A 80 9.46 1.35 -5.19
C THR A 80 9.85 1.37 -6.66
N LEU A 81 9.30 2.32 -7.41
CA LEU A 81 9.58 2.45 -8.83
C LEU A 81 10.10 3.84 -9.17
N GLU A 82 10.37 4.08 -10.44
CA GLU A 82 10.87 5.37 -10.91
C GLU A 82 9.76 6.18 -11.58
N THR A 83 9.40 7.30 -10.96
CA THR A 83 8.36 8.16 -11.49
C THR A 83 8.80 9.63 -11.49
N GLY A 92 14.01 2.00 -10.76
CA GLY A 92 14.37 2.58 -9.47
C GLY A 92 14.93 1.56 -8.48
N LYS A 93 14.34 1.50 -7.30
CA LYS A 93 14.74 0.56 -6.24
C LYS A 93 14.85 -0.88 -6.73
N PRO A 94 15.68 -1.69 -6.07
CA PRO A 94 15.93 -3.10 -6.45
C PRO A 94 14.68 -3.98 -6.61
N LEU A 95 14.78 -4.92 -7.54
CA LEU A 95 13.66 -5.75 -7.96
C LEU A 95 13.02 -6.55 -6.83
N ASP A 96 13.83 -7.31 -6.11
CA ASP A 96 13.47 -8.06 -4.89
C ASP A 96 12.53 -7.26 -3.95
N VAL A 97 12.86 -5.99 -3.75
CA VAL A 97 12.22 -5.12 -2.78
C VAL A 97 10.87 -4.57 -3.26
N GLN A 98 10.59 -4.72 -4.54
CA GLN A 98 9.39 -4.14 -5.13
C GLN A 98 8.17 -5.00 -4.94
N LEU A 99 8.28 -6.27 -5.32
CA LEU A 99 7.14 -7.16 -5.22
C LEU A 99 6.86 -7.56 -3.78
N ASP A 100 7.74 -7.14 -2.87
CA ASP A 100 7.45 -7.32 -1.46
C ASP A 100 6.31 -6.38 -1.12
N GLU A 101 6.45 -5.10 -1.46
CA GLU A 101 5.33 -4.19 -1.23
C GLU A 101 4.14 -4.68 -2.05
N LEU A 102 4.39 -5.11 -3.28
CA LEU A 102 3.31 -5.60 -4.12
C LEU A 102 2.57 -6.74 -3.43
N ALA A 103 3.33 -7.68 -2.87
CA ALA A 103 2.72 -8.78 -2.16
C ALA A 103 1.93 -8.28 -0.96
N ASP A 104 2.40 -7.19 -0.38
CA ASP A 104 1.75 -6.61 0.80
C ASP A 104 0.43 -6.01 0.42
N MET A 105 0.37 -5.35 -0.75
CA MET A 105 -0.91 -4.85 -1.23
C MET A 105 -1.90 -5.98 -1.49
N LEU A 106 -1.44 -7.03 -2.17
CA LEU A 106 -2.26 -8.21 -2.46
C LEU A 106 -2.98 -8.78 -1.22
N ALA A 107 -2.26 -8.98 -0.12
CA ALA A 107 -2.90 -9.50 1.08
C ALA A 107 -4.09 -8.61 1.50
N PHE A 108 -3.97 -7.31 1.33
CA PHE A 108 -5.08 -6.46 1.75
C PHE A 108 -6.25 -6.59 0.76
N GLY A 109 -5.99 -6.69 -0.54
CA GLY A 109 -7.03 -6.91 -1.54
C GLY A 109 -7.77 -8.23 -1.33
N LEU A 110 -7.02 -9.26 -0.95
CA LEU A 110 -7.60 -10.54 -0.55
C LEU A 110 -8.55 -10.40 0.63
N SER A 111 -8.22 -9.54 1.59
CA SER A 111 -9.06 -9.29 2.77
C SER A 111 -10.36 -8.56 2.46
N ILE A 112 -10.25 -7.48 1.71
CA ILE A 112 -11.41 -6.67 1.30
C ILE A 112 -12.52 -7.53 0.73
N ALA A 113 -12.22 -8.16 -0.41
CA ALA A 113 -13.20 -8.99 -1.08
C ALA A 113 -13.69 -10.05 -0.12
N ASN A 114 -12.77 -10.55 0.70
CA ASN A 114 -13.08 -11.58 1.66
C ASN A 114 -13.98 -11.05 2.75
N GLN A 115 -13.73 -9.82 3.16
CA GLN A 115 -14.58 -9.18 4.14
C GLN A 115 -15.82 -8.66 3.46
N SER A 116 -15.78 -8.55 2.14
CA SER A 116 -16.95 -8.17 1.37
C SER A 116 -17.84 -9.38 1.11
N GLY A 117 -17.25 -10.56 1.25
CA GLY A 117 -17.91 -11.77 0.83
C GLY A 117 -18.18 -11.65 -0.65
N VAL A 118 -17.12 -11.65 -1.45
CA VAL A 118 -17.27 -11.54 -2.89
C VAL A 118 -17.94 -12.89 -3.13
N SER A 119 -19.19 -12.85 -3.57
CA SER A 119 -19.98 -14.05 -3.78
C SER A 119 -19.49 -14.61 -5.10
N LEU A 120 -18.55 -15.56 -5.01
CA LEU A 120 -18.09 -16.38 -6.13
C LEU A 120 -17.75 -15.65 -7.43
N LYS A 121 -17.47 -14.35 -7.34
CA LYS A 121 -17.22 -13.54 -8.52
C LYS A 121 -16.03 -14.06 -9.31
N THR A 122 -16.29 -14.41 -10.57
CA THR A 122 -15.26 -14.86 -11.50
C THR A 122 -15.82 -15.04 -12.92
N LEU A 131 -10.78 -8.88 -13.26
CA LEU A 131 -10.69 -9.00 -14.70
C LEU A 131 -9.29 -8.64 -15.19
N GLY A 132 -8.73 -9.50 -16.04
CA GLY A 132 -7.40 -9.28 -16.58
C GLY A 132 -7.34 -8.07 -17.50
N LYS A 133 -6.62 -7.04 -17.07
CA LYS A 133 -6.49 -5.82 -17.86
C LYS A 133 -5.03 -5.59 -18.28
N VAL A 134 -4.85 -4.94 -19.42
CA VAL A 134 -3.52 -4.64 -19.93
C VAL A 134 -3.18 -3.17 -19.72
N TYR A 135 -1.99 -2.89 -19.18
CA TYR A 135 -1.62 -1.52 -18.85
C TYR A 135 -0.43 -1.05 -19.67
N PHE A 136 -0.55 0.12 -20.28
CA PHE A 136 0.50 0.57 -21.16
C PHE A 136 1.64 1.29 -20.42
N ASN A 137 1.32 1.95 -19.31
CA ASN A 137 2.27 2.85 -18.66
C ASN A 137 2.07 2.74 -17.17
N THR A 138 2.94 3.37 -16.38
CA THR A 138 2.78 3.32 -14.92
C THR A 138 1.62 4.25 -14.59
N SER A 139 1.62 5.42 -15.21
CA SER A 139 0.50 6.36 -15.05
C SER A 139 -0.87 5.81 -15.38
N SER A 140 -0.97 4.70 -16.12
CA SER A 140 -2.32 4.22 -16.42
C SER A 140 -2.83 3.38 -15.24
N ILE A 141 -1.96 3.15 -14.26
CA ILE A 141 -2.32 2.39 -13.05
C ILE A 141 -2.71 3.34 -11.93
N MET A 142 -2.00 4.46 -11.87
CA MET A 142 -2.38 5.62 -11.11
C MET A 142 -3.86 6.00 -11.30
N LYS A 143 -4.21 6.37 -12.54
CA LYS A 143 -5.55 6.79 -12.91
C LYS A 143 -6.59 5.84 -12.33
N ASP A 144 -6.36 4.56 -12.53
CA ASP A 144 -7.28 3.51 -12.13
C ASP A 144 -7.52 3.52 -10.65
N PHE A 145 -6.42 3.49 -9.89
CA PHE A 145 -6.51 3.46 -8.45
C PHE A 145 -7.20 4.70 -7.95
N MET A 146 -6.87 5.81 -8.59
CA MET A 146 -7.36 7.09 -8.16
C MET A 146 -8.87 7.25 -8.29
N GLU A 147 -9.53 6.63 -9.27
CA GLU A 147 -10.97 6.78 -9.23
C GLU A 147 -11.62 5.70 -8.36
N ASP A 148 -11.02 4.51 -8.27
CA ASP A 148 -11.54 3.47 -7.37
C ASP A 148 -11.43 3.92 -5.90
N PHE A 149 -10.60 4.93 -5.70
CA PHE A 149 -10.31 5.48 -4.41
C PHE A 149 -10.96 6.81 -4.10
N VAL A 150 -10.71 7.81 -4.92
CA VAL A 150 -11.26 9.13 -4.68
C VAL A 150 -12.72 9.24 -5.03
N TYR A 151 -13.23 8.29 -5.80
CA TYR A 151 -14.63 8.32 -6.15
C TYR A 151 -15.28 7.05 -5.70
N PHE A 152 -14.55 6.32 -4.87
CA PHE A 152 -15.15 5.11 -4.30
C PHE A 152 -14.36 4.63 -3.09
N GLU A 156 -13.89 -2.54 -3.84
CA GLU A 156 -13.86 -3.98 -3.50
C GLU A 156 -13.43 -4.86 -4.72
N GLU A 157 -14.19 -4.84 -5.81
CA GLU A 157 -13.83 -5.64 -6.97
C GLU A 157 -12.50 -5.17 -7.53
N ASP A 158 -12.44 -3.89 -7.89
CA ASP A 158 -11.24 -3.29 -8.46
C ASP A 158 -10.07 -3.33 -7.46
N SER A 159 -10.39 -3.26 -6.18
CA SER A 159 -9.36 -3.25 -5.14
C SER A 159 -8.55 -4.56 -5.17
N LEU A 160 -9.21 -5.67 -5.46
CA LEU A 160 -8.52 -6.94 -5.58
C LEU A 160 -8.02 -7.19 -7.02
N SER A 161 -8.73 -6.65 -8.00
CA SER A 161 -8.28 -6.73 -9.39
C SER A 161 -6.89 -6.13 -9.53
N LEU A 162 -6.66 -5.03 -8.83
CA LEU A 162 -5.50 -4.16 -9.06
C LEU A 162 -4.10 -4.77 -8.78
N PRO A 163 -3.89 -5.38 -7.60
CA PRO A 163 -2.53 -5.88 -7.41
C PRO A 163 -2.17 -6.99 -8.38
N LEU A 164 -3.19 -7.67 -8.88
CA LEU A 164 -2.95 -8.77 -9.80
C LEU A 164 -2.65 -8.29 -11.21
N ASN A 165 -3.43 -7.33 -11.70
CA ASN A 165 -3.24 -6.88 -13.07
C ASN A 165 -1.87 -6.24 -13.23
N ILE A 166 -1.39 -5.62 -12.15
CA ILE A 166 0.00 -5.16 -12.11
C ILE A 166 0.97 -6.29 -12.39
N ALA A 167 0.80 -7.38 -11.64
CA ALA A 167 1.63 -8.57 -11.81
C ALA A 167 1.66 -8.97 -13.28
N TYR A 168 0.48 -9.06 -13.90
CA TYR A 168 0.38 -9.46 -15.30
C TYR A 168 1.33 -8.55 -16.11
N ASN A 169 1.16 -7.24 -15.97
CA ASN A 169 1.97 -6.29 -16.69
C ASN A 169 3.37 -5.92 -16.23
N LEU A 170 3.49 -5.55 -14.95
CA LEU A 170 4.76 -5.11 -14.40
C LEU A 170 5.72 -6.28 -14.25
N TYR A 171 5.18 -7.47 -14.01
CA TYR A 171 6.01 -8.61 -13.64
C TYR A 171 5.52 -9.88 -14.31
N SER A 172 5.86 -11.02 -13.71
CA SER A 172 5.14 -12.25 -13.97
C SER A 172 4.10 -12.34 -12.88
N ILE A 173 3.14 -13.25 -13.02
CA ILE A 173 2.08 -13.30 -12.05
C ILE A 173 2.30 -14.52 -11.17
N ASP A 174 2.99 -15.52 -11.72
CA ASP A 174 3.37 -16.66 -10.90
C ASP A 174 4.64 -16.43 -10.13
N GLN A 175 5.08 -15.19 -10.23
CA GLN A 175 6.25 -14.67 -9.56
C GLN A 175 5.99 -13.75 -8.39
N LEU A 176 4.76 -13.23 -8.36
CA LEU A 176 4.27 -12.45 -7.24
C LEU A 176 3.88 -13.44 -6.17
N ILE A 177 3.09 -14.44 -6.56
CA ILE A 177 2.55 -15.45 -5.66
C ILE A 177 3.58 -16.07 -4.71
N ASP A 178 4.81 -16.26 -5.20
CA ASP A 178 5.86 -16.85 -4.39
C ASP A 178 6.32 -15.93 -3.25
N ALA A 179 6.08 -14.62 -3.40
CA ALA A 179 6.38 -13.68 -2.30
C ALA A 179 5.27 -13.75 -1.25
N TYR A 180 4.03 -13.80 -1.72
CA TYR A 180 2.87 -13.91 -0.83
C TYR A 180 2.86 -15.18 0.00
N LYS A 181 3.03 -16.32 -0.65
CA LYS A 181 3.00 -17.60 0.06
C LYS A 181 4.15 -17.68 1.06
N LYS A 182 5.26 -17.01 0.76
CA LYS A 182 6.44 -17.06 1.62
C LYS A 182 6.22 -16.28 2.92
N LYS A 183 5.79 -15.03 2.79
CA LYS A 183 5.57 -14.15 3.93
C LYS A 183 4.47 -14.65 4.84
N MET A 184 3.28 -14.90 4.30
CA MET A 184 2.17 -15.43 5.10
C MET A 184 2.54 -16.68 5.90
N LYS A 185 3.56 -17.40 5.45
CA LYS A 185 4.09 -18.51 6.22
C LYS A 185 4.82 -17.93 7.42
N ARG A 186 5.64 -16.91 7.18
CA ARG A 186 6.39 -16.27 8.24
C ARG A 186 5.44 -15.51 9.15
N ASN A 187 4.29 -15.15 8.61
CA ASN A 187 3.28 -14.36 9.34
C ASN A 187 2.33 -15.20 10.19
N HIS A 188 1.83 -16.28 9.59
CA HIS A 188 0.98 -17.23 10.31
C HIS A 188 1.79 -17.82 11.45
N GLU A 189 3.10 -17.90 11.23
CA GLU A 189 4.02 -18.39 12.24
C GLU A 189 4.14 -17.41 13.40
N ARG A 190 4.29 -16.14 13.07
CA ARG A 190 4.49 -15.09 14.07
C ARG A 190 3.29 -15.00 15.02
N GLN A 191 2.11 -15.10 14.44
CA GLN A 191 0.86 -15.01 15.19
C GLN A 191 0.51 -16.32 15.86
N LYS B 4 -11.01 16.36 19.34
CA LYS B 4 -9.92 15.85 18.52
C LYS B 4 -10.10 14.37 18.21
N LYS B 5 -10.79 14.07 17.11
CA LYS B 5 -11.00 12.69 16.66
C LYS B 5 -9.68 11.94 16.48
N ARG B 6 -9.53 10.87 17.26
CA ARG B 6 -8.28 10.12 17.41
C ARG B 6 -7.87 9.31 16.19
N GLU B 7 -8.83 8.64 15.56
CA GLU B 7 -8.57 7.66 14.50
C GLU B 7 -8.31 8.31 13.14
N VAL B 8 -7.19 7.94 12.54
CA VAL B 8 -6.79 8.47 11.24
C VAL B 8 -7.77 8.10 10.14
N THR B 9 -8.10 9.08 9.31
CA THR B 9 -9.09 8.83 8.30
C THR B 9 -8.39 8.46 7.01
N ILE B 10 -9.11 7.71 6.21
CA ILE B 10 -8.67 7.24 4.90
C ILE B 10 -8.27 8.42 4.01
N GLU B 11 -9.00 9.52 4.10
CA GLU B 11 -8.83 10.62 3.15
C GLU B 11 -7.58 11.41 3.47
N GLU B 12 -7.21 11.55 4.74
CA GLU B 12 -6.06 12.39 5.03
C GLU B 12 -4.78 11.65 4.70
N ILE B 13 -4.76 10.37 5.06
CA ILE B 13 -3.74 9.41 4.66
C ILE B 13 -3.50 9.48 3.15
N GLY B 14 -4.60 9.50 2.40
CA GLY B 14 -4.53 9.65 0.96
C GLY B 14 -3.93 10.98 0.54
N GLU B 15 -4.38 12.06 1.18
CA GLU B 15 -3.89 13.39 0.86
C GLU B 15 -2.39 13.47 1.07
N PHE B 16 -1.89 12.83 2.12
CA PHE B 16 -0.48 12.96 2.46
C PHE B 16 0.39 12.38 1.36
N HIS B 17 0.18 11.11 1.02
CA HIS B 17 0.98 10.48 -0.04
C HIS B 17 0.91 11.23 -1.38
N GLU B 18 -0.29 11.67 -1.77
CA GLU B 18 -0.42 12.53 -2.93
C GLU B 18 0.54 13.70 -2.90
N LYS B 19 0.51 14.45 -1.80
CA LYS B 19 1.37 15.62 -1.65
C LYS B 19 2.84 15.22 -1.72
N TYR B 20 3.14 14.05 -1.21
CA TYR B 20 4.49 13.54 -1.29
C TYR B 20 4.92 13.32 -2.73
N LEU B 21 3.99 12.86 -3.57
CA LEU B 21 4.29 12.64 -4.98
C LEU B 21 4.38 13.94 -5.80
N LYS B 22 3.44 14.87 -5.62
CA LYS B 22 3.58 16.20 -6.21
C LYS B 22 4.93 16.82 -5.85
N LEU B 23 5.37 16.57 -4.63
CA LEU B 23 6.63 17.12 -4.16
C LEU B 23 7.79 16.62 -5.00
N LEU B 24 7.79 15.34 -5.31
CA LEU B 24 8.86 14.74 -6.10
C LEU B 24 8.74 15.05 -7.62
N PHE B 25 7.81 15.93 -7.99
CA PHE B 25 7.63 16.29 -9.41
C PHE B 25 7.78 17.79 -9.70
N THR B 26 8.09 18.57 -8.67
CA THR B 26 8.16 20.02 -8.78
C THR B 26 9.08 20.54 -9.90
N ASN B 27 10.23 19.88 -10.07
CA ASN B 27 11.24 20.32 -11.04
C ASN B 27 11.70 21.76 -10.82
N ASN B 32 14.07 26.69 -12.06
CA ASN B 32 15.21 26.11 -11.37
C ASN B 32 15.54 26.87 -10.08
N ASP B 33 14.75 27.90 -9.79
CA ASP B 33 14.89 28.67 -8.55
C ASP B 33 13.73 28.36 -7.62
N ARG B 34 12.96 27.35 -8.00
CA ARG B 34 11.73 26.99 -7.31
C ARG B 34 12.33 26.52 -6.00
N LYS B 35 12.07 27.28 -4.95
CA LYS B 35 12.57 26.99 -3.61
C LYS B 35 11.29 26.78 -2.79
N LYS B 36 10.16 26.74 -3.48
CA LYS B 36 8.86 26.55 -2.81
C LYS B 36 8.69 25.07 -2.44
N ALA B 37 9.48 24.23 -3.09
CA ALA B 37 9.48 22.80 -2.83
C ALA B 37 10.00 22.53 -1.44
N LEU B 38 10.97 23.32 -1.01
CA LEU B 38 11.60 23.12 0.28
C LEU B 38 10.63 23.41 1.43
N ALA B 39 9.85 24.48 1.28
CA ALA B 39 8.75 24.76 2.20
C ALA B 39 7.84 23.53 2.36
N GLU B 40 7.47 22.92 1.24
CA GLU B 40 6.51 21.84 1.23
C GLU B 40 7.05 20.62 1.95
N ILE B 41 8.37 20.42 1.85
CA ILE B 41 9.04 19.38 2.61
C ILE B 41 8.94 19.65 4.10
N GLU B 42 9.09 20.91 4.48
CA GLU B 42 8.90 21.27 5.88
C GLU B 42 7.47 21.00 6.31
N LYS B 43 6.50 21.35 5.46
CA LYS B 43 5.11 21.06 5.76
C LYS B 43 4.87 19.57 5.86
N LEU B 44 5.50 18.82 4.96
CA LEU B 44 5.20 17.41 4.83
C LEU B 44 5.84 16.63 5.93
N LYS B 45 6.94 17.15 6.50
CA LYS B 45 7.56 16.48 7.64
C LYS B 45 6.63 16.56 8.83
N GLU B 46 5.97 17.71 8.99
CA GLU B 46 5.21 17.97 10.19
C GLU B 46 3.92 17.17 10.22
N GLU B 47 3.29 16.98 9.07
CA GLU B 47 2.05 16.21 9.09
C GLU B 47 2.38 14.72 9.05
N SER B 48 3.62 14.42 8.68
CA SER B 48 4.10 13.06 8.81
C SER B 48 4.09 12.68 10.30
N ILE B 49 4.67 13.56 11.13
CA ILE B 49 4.71 13.38 12.57
C ILE B 49 3.32 13.32 13.17
N TYR B 50 2.50 14.28 12.75
CA TYR B 50 1.08 14.30 13.06
C TYR B 50 0.44 12.92 12.88
N LEU B 51 0.65 12.31 11.72
CA LEU B 51 0.02 11.03 11.40
C LEU B 51 0.68 9.91 12.17
N GLY B 52 2.00 9.98 12.33
CA GLY B 52 2.70 8.96 13.11
C GLY B 52 2.15 8.89 14.53
N GLU B 53 2.07 10.06 15.19
CA GLU B 53 1.60 10.09 16.56
C GLU B 53 0.17 9.57 16.69
N LYS B 54 -0.70 9.95 15.75
CA LYS B 54 -2.08 9.49 15.81
C LYS B 54 -2.15 7.98 15.70
N LEU B 55 -1.40 7.44 14.75
CA LEU B 55 -1.35 5.99 14.54
C LEU B 55 -0.63 5.29 15.68
N ARG B 56 0.17 6.05 16.42
CA ARG B 56 0.87 5.46 17.53
C ARG B 56 -0.14 5.20 18.61
N LEU B 57 -0.89 6.24 18.95
CA LEU B 57 -1.94 6.15 19.95
C LEU B 57 -3.06 5.17 19.57
N VAL B 58 -3.48 5.19 18.30
CA VAL B 58 -4.56 4.33 17.82
C VAL B 58 -4.13 3.69 16.52
N PRO B 59 -3.52 2.49 16.59
CA PRO B 59 -2.84 1.76 15.52
C PRO B 59 -3.73 1.09 14.49
N ASN B 60 -3.31 1.08 13.22
CA ASN B 60 -3.88 0.13 12.27
C ASN B 60 -3.39 -1.24 12.65
N HIS B 61 -4.31 -2.06 13.10
CA HIS B 61 -4.04 -3.42 13.58
C HIS B 61 -3.66 -4.39 12.46
N HIS B 62 -4.46 -4.41 11.40
CA HIS B 62 -4.20 -5.36 10.33
C HIS B 62 -2.84 -5.08 9.67
N TYR B 63 -2.44 -3.82 9.65
CA TYR B 63 -1.19 -3.46 9.05
C TYR B 63 -0.05 -4.15 9.80
N ASP B 64 -0.05 -4.10 11.14
CA ASP B 64 1.07 -4.65 11.90
C ASP B 64 1.13 -6.17 11.73
N ALA B 65 -0.03 -6.80 11.66
CA ALA B 65 -0.10 -8.24 11.50
C ALA B 65 0.41 -8.72 10.14
N ILE B 66 0.18 -7.95 9.09
CA ILE B 66 0.59 -8.40 7.76
C ILE B 66 2.01 -7.95 7.46
N LYS B 67 2.44 -6.87 8.10
CA LYS B 67 3.74 -6.27 7.80
C LYS B 67 4.85 -6.62 8.81
N GLY B 68 4.46 -6.95 10.03
CA GLY B 68 5.45 -7.19 11.08
C GLY B 68 6.03 -5.94 11.71
N LYS B 69 5.66 -4.77 11.18
CA LYS B 69 6.13 -3.48 11.73
C LYS B 69 4.97 -2.53 12.03
N PRO B 70 5.10 -1.73 13.09
CA PRO B 70 4.05 -0.75 13.37
C PRO B 70 3.91 0.30 12.27
N MET B 71 2.69 0.51 11.81
CA MET B 71 2.39 1.54 10.84
C MET B 71 2.81 2.97 11.24
N TYR B 72 2.80 3.28 12.54
CA TYR B 72 3.12 4.65 12.94
C TYR B 72 4.56 4.96 12.59
N LYS B 73 5.38 3.93 12.53
CA LYS B 73 6.80 4.16 12.33
C LYS B 73 7.05 4.66 10.94
N LEU B 74 6.28 4.13 10.00
CA LEU B 74 6.31 4.59 8.62
C LEU B 74 6.12 6.11 8.49
N TYR B 75 5.32 6.71 9.37
CA TYR B 75 5.07 8.14 9.26
C TYR B 75 5.93 8.92 10.21
N LEU B 76 6.22 8.31 11.35
CA LEU B 76 7.02 8.95 12.34
C LEU B 76 8.49 9.00 11.90
N TYR B 77 8.95 7.92 11.27
CA TYR B 77 10.37 7.84 10.95
C TYR B 77 10.89 7.68 9.52
N GLU B 78 10.17 6.92 8.69
CA GLU B 78 10.64 6.56 7.35
C GLU B 78 10.37 7.72 6.39
N TYR B 79 9.15 8.23 6.36
CA TYR B 79 8.88 9.34 5.45
C TYR B 79 9.70 10.56 5.82
N PRO B 80 9.76 10.91 7.12
CA PRO B 80 10.66 12.03 7.43
C PRO B 80 12.11 11.75 6.98
N ASP B 81 12.55 10.50 7.05
CA ASP B 81 13.87 10.15 6.56
C ASP B 81 13.96 10.45 5.08
N ARG B 82 12.90 10.08 4.38
CA ARG B 82 12.88 10.23 2.94
C ARG B 82 12.88 11.71 2.58
N LEU B 83 12.00 12.48 3.20
CA LEU B 83 11.92 13.90 2.93
C LEU B 83 13.20 14.62 3.32
N GLU B 84 14.00 13.98 4.15
CA GLU B 84 15.29 14.53 4.51
C GLU B 84 16.24 14.31 3.37
N HIS B 85 16.13 13.12 2.78
CA HIS B 85 16.96 12.71 1.68
C HIS B 85 16.78 13.64 0.49
N GLN B 86 15.55 14.12 0.29
CA GLN B 86 15.28 15.04 -0.81
C GLN B 86 15.84 16.42 -0.50
N LYS B 87 15.72 16.82 0.76
CA LYS B 87 16.26 18.10 1.24
C LYS B 87 17.74 18.19 0.92
N LYS B 88 18.51 17.19 1.34
CA LYS B 88 19.95 17.18 1.09
C LYS B 88 20.25 17.31 -0.40
N ILE B 89 19.59 16.49 -1.21
CA ILE B 89 19.78 16.51 -2.65
C ILE B 89 19.30 17.93 -2.91
N ILE B 90 20.25 18.84 -3.15
CA ILE B 90 19.92 20.23 -3.41
C ILE B 90 21.22 20.99 -3.65
N LEU B 91 21.15 22.05 -4.45
CA LEU B 91 22.31 22.86 -4.76
C LEU B 91 21.95 24.04 -5.67
#